data_3IJJ
#
_entry.id   3IJJ
#
_cell.length_a   67.236
_cell.length_b   67.908
_cell.length_c   87.329
_cell.angle_alpha   90.000
_cell.angle_beta   90.000
_cell.angle_gamma   90.000
#
_symmetry.space_group_name_H-M   'P 21 21 21'
#
loop_
_entity.id
_entity.type
_entity.pdbx_description
1 polymer 'Macrophage migration inhibitory factor'
2 non-polymer '(2E)-2-hydroxy-3-(4-hydroxyphenyl)prop-2-enoic acid'
3 non-polymer '3-(4-HYDROXY-PHENYL)PYRUVIC ACID'
4 non-polymer 'CHLORIDE ION'
5 non-polymer (2R)-2-amino-1-[2-(1-methylethyl)pyrazolo[1,5-a]pyridin-3-yl]propan-1-one
6 water water
#
_entity_poly.entity_id   1
_entity_poly.type   'polypeptide(L)'
_entity_poly.pdbx_seq_one_letter_code
;PMFIVNTNVPRASVPDGFLSELTQQLAQATGKPPQYIAVHVVPDQLMAFGGSSEPCALCSLHSIGKIGGAQNRSYSKLLC
GLLAERLRISPDRVYINYYDMNAANVGWNNSTFA
;
_entity_poly.pdbx_strand_id   A,B,C
#
# COMPACT_ATOMS: atom_id res chain seq x y z
N PRO A 1 -8.30 12.88 4.07
N PRO A 1 -7.72 13.15 4.52
CA PRO A 1 -7.02 12.19 4.21
CA PRO A 1 -6.58 12.28 4.83
C PRO A 1 -7.22 10.71 4.50
C PRO A 1 -6.96 10.80 4.92
N MET A 2 -6.12 9.96 4.50
N MET A 2 -6.03 9.95 4.53
CA MET A 2 -6.17 8.51 4.61
C MET A 2 -5.03 7.99 5.46
N PHE A 3 -5.34 7.23 6.50
CA PHE A 3 -4.34 6.64 7.35
C PHE A 3 -4.47 5.12 7.37
N ILE A 4 -3.36 4.44 7.09
CA ILE A 4 -3.34 2.99 7.05
C ILE A 4 -2.30 2.47 8.04
N VAL A 5 -2.67 1.47 8.83
CA VAL A 5 -1.69 0.81 9.68
CA VAL A 5 -1.76 0.79 9.77
C VAL A 5 -1.72 -0.70 9.43
N ASN A 6 -0.54 -1.22 9.11
CA ASN A 6 -0.33 -2.65 8.92
C ASN A 6 0.48 -3.14 10.10
N THR A 7 0.01 -4.19 10.77
CA THR A 7 0.67 -4.64 11.99
C THR A 7 0.57 -6.14 12.15
N ASN A 8 1.57 -6.69 12.85
CA ASN A 8 1.54 -8.09 13.24
C ASN A 8 0.75 -8.37 14.51
N VAL A 9 0.30 -7.33 15.20
CA VAL A 9 -0.53 -7.49 16.40
C VAL A 9 -1.82 -8.22 15.99
N PRO A 10 -2.28 -9.19 16.82
CA PRO A 10 -3.51 -9.89 16.44
C PRO A 10 -4.77 -9.04 16.52
N ARG A 11 -5.77 -9.37 15.72
CA ARG A 11 -7.03 -8.61 15.67
C ARG A 11 -7.66 -8.42 17.05
N ALA A 12 -7.64 -9.46 17.87
CA ALA A 12 -8.27 -9.40 19.19
C ALA A 12 -7.59 -8.39 20.11
N SER A 13 -6.37 -8.00 19.77
CA SER A 13 -5.63 -7.02 20.56
C SER A 13 -5.87 -5.57 20.10
N VAL A 14 -6.64 -5.41 19.02
CA VAL A 14 -7.05 -4.07 18.59
C VAL A 14 -8.31 -3.72 19.38
N PRO A 15 -8.23 -2.72 20.28
CA PRO A 15 -9.36 -2.48 21.18
C PRO A 15 -10.55 -1.85 20.47
N ASP A 16 -11.74 -2.04 21.04
CA ASP A 16 -12.93 -1.32 20.60
C ASP A 16 -12.64 0.16 20.54
N GLY A 17 -13.15 0.80 19.50
CA GLY A 17 -13.06 2.26 19.38
C GLY A 17 -11.81 2.77 18.72
N PHE A 18 -10.93 1.87 18.27
CA PHE A 18 -9.65 2.28 17.73
C PHE A 18 -9.77 3.10 16.43
N LEU A 19 -10.57 2.62 15.47
CA LEU A 19 -10.79 3.40 14.24
C LEU A 19 -11.39 4.77 14.53
N SER A 20 -12.35 4.82 15.46
CA SER A 20 -12.96 6.10 15.82
C SER A 20 -11.95 7.06 16.45
N GLU A 21 -11.11 6.56 17.35
CA GLU A 21 -10.09 7.38 17.98
C GLU A 21 -9.11 7.92 16.95
N LEU A 22 -8.66 7.07 16.02
CA LEU A 22 -7.79 7.52 14.95
C LEU A 22 -8.44 8.61 14.09
N THR A 23 -9.70 8.42 13.74
CA THR A 23 -10.43 9.38 12.94
C THR A 23 -10.47 10.74 13.64
N GLN A 24 -10.87 10.72 14.91
CA GLN A 24 -11.00 11.95 15.69
C GLN A 24 -9.67 12.66 15.87
N GLN A 25 -8.64 11.90 16.24
CA GLN A 25 -7.34 12.50 16.51
C GLN A 25 -6.70 13.04 15.23
N LEU A 26 -6.88 12.34 14.12
CA LEU A 26 -6.37 12.82 12.85
C LEU A 26 -7.08 14.08 12.37
N ALA A 27 -8.38 14.17 12.63
CA ALA A 27 -9.12 15.37 12.28
C ALA A 27 -8.54 16.57 13.02
N GLN A 28 -8.31 16.39 14.32
CA GLN A 28 -7.74 17.45 15.14
C GLN A 28 -6.33 17.83 14.66
N ALA A 29 -5.52 16.82 14.36
CA ALA A 29 -4.13 17.04 13.98
C ALA A 29 -3.96 17.67 12.60
N THR A 30 -4.70 17.18 11.62
CA THR A 30 -4.58 17.68 10.23
C THR A 30 -5.39 18.95 9.98
N GLY A 31 -6.35 19.23 10.86
CA GLY A 31 -7.27 20.35 10.66
C GLY A 31 -8.33 20.09 9.61
N LYS A 32 -8.44 18.84 9.16
CA LYS A 32 -9.40 18.44 8.14
C LYS A 32 -10.68 17.95 8.81
N PRO A 33 -11.84 18.11 8.13
CA PRO A 33 -13.08 17.62 8.75
C PRO A 33 -13.08 16.10 8.90
N PRO A 34 -13.60 15.59 10.03
CA PRO A 34 -13.58 14.14 10.21
C PRO A 34 -14.34 13.37 9.13
N GLN A 35 -15.33 14.02 8.53
CA GLN A 35 -16.11 13.42 7.45
C GLN A 35 -15.24 13.00 6.26
N TYR A 36 -14.06 13.61 6.14
CA TYR A 36 -13.14 13.33 5.04
C TYR A 36 -12.06 12.31 5.39
N ILE A 37 -11.95 11.92 6.65
CA ILE A 37 -10.85 11.07 7.09
C ILE A 37 -11.19 9.61 6.93
N ALA A 38 -10.32 8.86 6.27
CA ALA A 38 -10.47 7.42 6.16
C ALA A 38 -9.35 6.74 6.92
N VAL A 39 -9.69 5.66 7.62
CA VAL A 39 -8.71 4.93 8.43
C VAL A 39 -8.86 3.44 8.15
N HIS A 40 -7.74 2.73 8.20
CA HIS A 40 -7.71 1.34 7.80
C HIS A 40 -6.65 0.66 8.66
N VAL A 41 -7.06 -0.38 9.38
CA VAL A 41 -6.15 -1.11 10.26
C VAL A 41 -6.11 -2.56 9.80
N VAL A 42 -4.89 -3.08 9.63
CA VAL A 42 -4.67 -4.42 9.09
C VAL A 42 -3.83 -5.23 10.08
N PRO A 43 -4.52 -6.02 10.94
CA PRO A 43 -3.80 -6.81 11.94
C PRO A 43 -3.35 -8.17 11.41
N ASP A 44 -2.68 -8.94 12.27
CA ASP A 44 -2.31 -10.32 11.98
C ASP A 44 -1.36 -10.49 10.79
N GLN A 45 -0.57 -9.45 10.50
CA GLN A 45 0.33 -9.48 9.35
C GLN A 45 1.62 -10.23 9.62
N LEU A 46 2.16 -10.84 8.56
CA LEU A 46 3.47 -11.49 8.58
C LEU A 46 4.51 -10.42 8.29
N MET A 47 5.19 -9.98 9.35
CA MET A 47 6.10 -8.84 9.24
C MET A 47 7.33 -9.04 10.10
N ALA A 48 8.40 -8.36 9.74
CA ALA A 48 9.58 -8.23 10.58
C ALA A 48 10.04 -6.79 10.52
N PHE A 49 10.59 -6.33 11.63
CA PHE A 49 11.13 -5.00 11.73
C PHE A 49 12.48 -5.14 12.39
N GLY A 50 13.53 -4.73 11.69
CA GLY A 50 14.88 -4.78 12.22
C GLY A 50 15.36 -6.18 12.53
N GLY A 51 14.80 -7.17 11.85
CA GLY A 51 15.23 -8.56 12.02
C GLY A 51 14.51 -9.32 13.12
N SER A 52 13.41 -8.79 13.62
CA SER A 52 12.58 -9.53 14.57
C SER A 52 11.10 -9.34 14.31
N SER A 53 10.31 -10.31 14.76
CA SER A 53 8.86 -10.29 14.58
C SER A 53 8.13 -9.83 15.84
N GLU A 54 8.82 -9.11 16.72
CA GLU A 54 8.17 -8.42 17.83
C GLU A 54 7.15 -7.40 17.30
N PRO A 55 6.16 -6.97 18.12
CA PRO A 55 5.11 -6.08 17.57
C PRO A 55 5.69 -4.87 16.85
N CYS A 56 5.16 -4.59 15.67
CA CYS A 56 5.62 -3.47 14.86
C CYS A 56 4.48 -2.98 14.01
N ALA A 57 4.67 -1.83 13.37
CA ALA A 57 3.67 -1.29 12.47
C ALA A 57 4.31 -0.57 11.30
N LEU A 58 3.73 -0.76 10.12
CA LEU A 58 4.11 -0.01 8.93
C LEU A 58 2.87 0.73 8.48
N CYS A 59 2.98 2.06 8.42
CA CYS A 59 1.82 2.91 8.24
C CYS A 59 2.02 3.92 7.13
N SER A 60 0.93 4.51 6.67
CA SER A 60 1.01 5.63 5.74
C SER A 60 -0.06 6.66 6.08
N LEU A 61 0.28 7.93 5.88
CA LEU A 61 -0.68 9.02 5.97
C LEU A 61 -0.60 9.80 4.67
N HIS A 62 -1.73 9.86 3.96
CA HIS A 62 -1.87 10.64 2.74
C HIS A 62 -2.77 11.80 3.05
N SER A 63 -2.37 13.00 2.61
CA SER A 63 -3.20 14.19 2.83
C SER A 63 -2.96 15.14 1.68
N ILE A 64 -4.00 15.90 1.31
CA ILE A 64 -3.84 16.98 0.34
C ILE A 64 -3.37 18.18 1.13
N GLY A 65 -2.07 18.43 1.11
CA GLY A 65 -1.49 19.45 1.98
C GLY A 65 -1.44 18.98 3.43
N LYS A 66 -1.06 19.90 4.32
CA LYS A 66 -0.91 19.61 5.76
C LYS A 66 0.20 18.57 6.01
N ILE A 67 1.18 18.53 5.12
CA ILE A 67 2.32 17.64 5.23
C ILE A 67 3.58 18.51 5.18
N GLY A 68 4.52 18.28 6.08
CA GLY A 68 5.75 19.06 6.08
C GLY A 68 6.62 18.65 7.25
N GLY A 69 7.80 19.24 7.36
CA GLY A 69 8.75 18.87 8.40
C GLY A 69 8.17 18.83 9.81
N ALA A 70 7.67 19.98 10.28
CA ALA A 70 7.17 20.10 11.63
C ALA A 70 5.86 19.34 11.81
N GLN A 71 4.97 19.43 10.82
CA GLN A 71 3.69 18.75 10.90
C GLN A 71 3.88 17.25 11.03
N ASN A 72 4.80 16.72 10.22
CA ASN A 72 5.04 15.27 10.21
C ASN A 72 5.63 14.79 11.53
N ARG A 73 6.51 15.59 12.13
CA ARG A 73 7.00 15.25 13.46
C ARG A 73 5.86 15.18 14.46
N SER A 74 4.93 16.13 14.39
CA SER A 74 3.77 16.16 15.27
C SER A 74 2.85 14.95 15.05
N TYR A 75 2.62 14.61 13.78
CA TYR A 75 1.79 13.45 13.48
C TYR A 75 2.43 12.18 14.03
N SER A 76 3.75 12.10 13.91
CA SER A 76 4.44 10.89 14.35
C SER A 76 4.33 10.70 15.85
N LYS A 77 4.46 11.80 16.60
CA LYS A 77 4.31 11.74 18.05
C LYS A 77 2.89 11.29 18.42
N LEU A 78 1.89 11.88 17.76
CA LEU A 78 0.50 11.52 17.99
C LEU A 78 0.24 10.04 17.69
N LEU A 79 0.65 9.62 16.49
CA LEU A 79 0.32 8.29 16.00
C LEU A 79 1.10 7.19 16.71
N CYS A 80 2.41 7.41 16.92
CA CYS A 80 3.17 6.47 17.73
C CYS A 80 2.59 6.37 19.15
N GLY A 81 2.15 7.50 19.69
CA GLY A 81 1.54 7.49 21.03
C GLY A 81 0.32 6.59 21.07
N LEU A 82 -0.55 6.71 20.05
CA LEU A 82 -1.75 5.90 19.97
C LEU A 82 -1.43 4.42 19.77
N LEU A 83 -0.47 4.12 18.90
CA LEU A 83 -0.08 2.74 18.67
C LEU A 83 0.54 2.09 19.91
N ALA A 84 1.31 2.88 20.67
CA ALA A 84 1.88 2.39 21.92
C ALA A 84 0.81 2.15 22.97
N GLU A 85 -0.09 3.12 23.16
CA GLU A 85 -1.13 3.03 24.18
C GLU A 85 -2.13 1.93 23.88
N ARG A 86 -2.56 1.84 22.62
CA ARG A 86 -3.67 0.95 22.26
C ARG A 86 -3.23 -0.41 21.76
N LEU A 87 -2.13 -0.47 21.01
CA LEU A 87 -1.69 -1.73 20.42
C LEU A 87 -0.42 -2.29 21.09
N ARG A 88 0.14 -1.54 22.04
CA ARG A 88 1.35 -1.93 22.77
C ARG A 88 2.57 -2.12 21.87
N ILE A 89 2.62 -1.32 20.81
CA ILE A 89 3.75 -1.33 19.88
C ILE A 89 4.73 -0.24 20.28
N SER A 90 6.00 -0.61 20.44
CA SER A 90 7.05 0.35 20.72
C SER A 90 7.18 1.38 19.61
N PRO A 91 7.26 2.68 19.95
CA PRO A 91 7.44 3.69 18.90
C PRO A 91 8.66 3.45 17.98
N ASP A 92 9.72 2.83 18.50
CA ASP A 92 10.88 2.56 17.66
C ASP A 92 10.70 1.37 16.73
N ARG A 93 9.50 0.77 16.72
CA ARG A 93 9.15 -0.29 15.78
C ARG A 93 7.97 0.13 14.90
N VAL A 94 7.85 1.44 14.67
CA VAL A 94 6.81 2.00 13.81
C VAL A 94 7.47 2.85 12.72
N TYR A 95 7.08 2.60 11.47
CA TYR A 95 7.37 3.51 10.38
C TYR A 95 6.07 4.08 9.85
N ILE A 96 6.09 5.38 9.54
CA ILE A 96 4.95 6.04 8.93
C ILE A 96 5.43 6.80 7.69
N ASN A 97 4.99 6.40 6.50
CA ASN A 97 5.30 7.16 5.29
C ASN A 97 4.26 8.26 5.09
N TYR A 98 4.73 9.48 4.88
CA TYR A 98 3.86 10.65 4.65
C TYR A 98 3.84 11.01 3.19
N TYR A 99 2.64 11.28 2.68
CA TYR A 99 2.44 11.64 1.27
C TYR A 99 1.59 12.88 1.16
N ASP A 100 2.16 13.92 0.56
CA ASP A 100 1.43 15.13 0.22
C ASP A 100 0.85 14.95 -1.18
N MET A 101 -0.45 14.68 -1.26
CA MET A 101 -1.11 14.38 -2.53
C MET A 101 -1.58 15.64 -3.23
N ASN A 102 -1.34 15.70 -4.53
CA ASN A 102 -1.98 16.73 -5.36
C ASN A 102 -3.46 16.40 -5.47
N ALA A 103 -4.30 17.43 -5.40
CA ALA A 103 -5.74 17.23 -5.48
C ALA A 103 -6.20 16.48 -6.75
N ALA A 104 -5.53 16.73 -7.86
CA ALA A 104 -5.84 16.02 -9.12
C ALA A 104 -5.58 14.52 -9.05
N ASN A 105 -4.75 14.10 -8.09
CA ASN A 105 -4.38 12.71 -7.95
C ASN A 105 -5.14 11.99 -6.84
N VAL A 106 -6.23 12.58 -6.37
CA VAL A 106 -7.10 11.91 -5.41
C VAL A 106 -8.52 11.85 -5.96
N GLY A 107 -8.94 10.63 -6.29
CA GLY A 107 -10.27 10.38 -6.77
C GLY A 107 -11.26 10.18 -5.64
N TRP A 108 -12.50 10.62 -5.87
CA TRP A 108 -13.57 10.52 -4.90
C TRP A 108 -14.87 10.83 -5.62
N ASN A 109 -15.93 10.09 -5.33
CA ASN A 109 -17.27 10.46 -5.82
C ASN A 109 -17.32 10.72 -7.34
N ASN A 110 -16.77 9.78 -8.11
CA ASN A 110 -16.83 9.83 -9.58
C ASN A 110 -15.96 10.90 -10.24
N SER A 111 -15.13 11.57 -9.45
CA SER A 111 -14.29 12.65 -9.96
C SER A 111 -13.00 12.70 -9.15
N THR A 112 -12.32 13.85 -9.14
CA THR A 112 -11.19 14.05 -8.25
C THR A 112 -11.43 15.31 -7.42
N PHE A 113 -10.52 15.61 -6.49
CA PHE A 113 -10.59 16.82 -5.71
C PHE A 113 -10.04 18.07 -6.42
N ALA A 114 -9.51 17.91 -7.63
CA ALA A 114 -8.96 19.07 -8.35
C ALA A 114 -10.04 20.09 -8.66
N PRO B 1 14.69 1.07 5.49
N PRO B 1 14.80 1.06 4.99
CA PRO B 1 13.86 0.85 4.31
CA PRO B 1 14.17 0.36 3.85
C PRO B 1 12.76 -0.15 4.60
C PRO B 1 13.00 -0.56 4.21
N MET B 2 11.84 -0.28 3.65
N MET B 2 11.84 -0.28 3.62
CA MET B 2 10.64 -1.08 3.84
C MET B 2 10.35 -1.85 2.55
N PHE B 3 10.18 -3.16 2.65
CA PHE B 3 9.84 -3.99 1.49
C PHE B 3 8.55 -4.74 1.76
N ILE B 4 7.59 -4.59 0.85
CA ILE B 4 6.29 -5.24 0.97
C ILE B 4 6.07 -6.13 -0.26
N VAL B 5 5.63 -7.37 -0.03
CA VAL B 5 5.25 -8.28 -1.10
C VAL B 5 3.81 -8.72 -0.90
N ASN B 6 2.96 -8.46 -1.88
CA ASN B 6 1.59 -8.99 -1.92
C ASN B 6 1.54 -10.05 -3.01
N THR B 7 1.00 -11.21 -2.67
CA THR B 7 1.01 -12.32 -3.61
C THR B 7 -0.20 -13.21 -3.41
N ASN B 8 -0.59 -13.88 -4.49
CA ASN B 8 -1.64 -14.89 -4.45
C ASN B 8 -1.16 -16.28 -4.02
N VAL B 9 0.15 -16.46 -3.89
CA VAL B 9 0.73 -17.74 -3.44
CA VAL B 9 0.66 -17.77 -3.46
C VAL B 9 0.22 -18.04 -2.02
N PRO B 10 -0.04 -19.33 -1.71
CA PRO B 10 -0.54 -19.66 -0.36
C PRO B 10 0.48 -19.44 0.74
N ARG B 11 -0.01 -19.13 1.94
CA ARG B 11 0.84 -18.93 3.13
C ARG B 11 1.78 -20.11 3.37
N ALA B 12 1.28 -21.32 3.15
CA ALA B 12 2.07 -22.54 3.40
C ALA B 12 3.28 -22.66 2.48
N SER B 13 3.25 -21.95 1.35
CA SER B 13 4.34 -21.99 0.37
CA SER B 13 4.34 -22.00 0.38
C SER B 13 5.43 -20.96 0.67
N VAL B 14 5.19 -20.08 1.65
CA VAL B 14 6.21 -19.13 2.08
C VAL B 14 7.17 -19.85 3.03
N PRO B 15 8.45 -20.01 2.64
CA PRO B 15 9.37 -20.79 3.46
C PRO B 15 9.61 -20.15 4.82
N ASP B 16 9.83 -21.00 5.83
CA ASP B 16 10.31 -20.54 7.12
C ASP B 16 11.64 -19.83 6.90
N GLY B 17 11.77 -18.64 7.48
CA GLY B 17 12.99 -17.86 7.33
C GLY B 17 13.00 -16.92 6.15
N PHE B 18 11.91 -16.88 5.38
CA PHE B 18 11.80 -15.97 4.24
C PHE B 18 11.95 -14.51 4.63
N LEU B 19 11.29 -14.10 5.72
CA LEU B 19 11.37 -12.70 6.18
C LEU B 19 12.81 -12.33 6.54
N SER B 20 13.49 -13.24 7.23
CA SER B 20 14.88 -13.03 7.60
C SER B 20 15.78 -12.96 6.37
N GLU B 21 15.53 -13.83 5.40
CA GLU B 21 16.32 -13.81 4.17
C GLU B 21 16.15 -12.48 3.42
N LEU B 22 14.90 -12.02 3.30
CA LEU B 22 14.65 -10.70 2.72
C LEU B 22 15.37 -9.59 3.48
N THR B 23 15.31 -9.64 4.80
CA THR B 23 15.96 -8.63 5.64
C THR B 23 17.44 -8.56 5.36
N GLN B 24 18.09 -9.72 5.39
CA GLN B 24 19.53 -9.77 5.20
C GLN B 24 19.96 -9.40 3.78
N GLN B 25 19.24 -9.91 2.79
CA GLN B 25 19.55 -9.60 1.40
C GLN B 25 19.36 -8.12 1.09
N LEU B 26 18.31 -7.52 1.65
CA LEU B 26 18.08 -6.09 1.46
C LEU B 26 19.12 -5.22 2.18
N ALA B 27 19.57 -5.67 3.35
CA ALA B 27 20.62 -4.96 4.07
C ALA B 27 21.87 -4.88 3.22
N GLN B 28 22.23 -6.03 2.63
CA GLN B 28 23.41 -6.12 1.78
C GLN B 28 23.25 -5.28 0.51
N ALA B 29 22.06 -5.34 -0.09
CA ALA B 29 21.79 -4.64 -1.35
C ALA B 29 21.75 -3.12 -1.21
N THR B 30 21.14 -2.63 -0.13
CA THR B 30 20.96 -1.19 0.08
C THR B 30 22.11 -0.57 0.88
N GLY B 31 22.90 -1.41 1.55
CA GLY B 31 23.97 -0.92 2.41
C GLY B 31 23.48 -0.38 3.74
N LYS B 32 22.18 -0.54 4.01
CA LYS B 32 21.54 -0.07 5.24
C LYS B 32 21.64 -1.14 6.32
N PRO B 33 21.66 -0.73 7.61
CA PRO B 33 21.74 -1.75 8.68
C PRO B 33 20.45 -2.57 8.76
N PRO B 34 20.56 -3.88 9.05
CA PRO B 34 19.35 -4.70 9.15
C PRO B 34 18.35 -4.20 10.21
N GLN B 35 18.85 -3.51 11.23
CA GLN B 35 17.99 -2.95 12.28
C GLN B 35 16.98 -1.95 11.74
N TYR B 36 17.24 -1.41 10.56
CA TYR B 36 16.34 -0.41 9.97
C TYR B 36 15.43 -0.99 8.88
N ILE B 37 15.62 -2.26 8.55
CA ILE B 37 14.86 -2.87 7.46
C ILE B 37 13.58 -3.51 7.96
N ALA B 38 12.46 -3.15 7.34
CA ALA B 38 11.18 -3.78 7.63
C ALA B 38 10.71 -4.54 6.41
N VAL B 39 10.15 -5.72 6.65
CA VAL B 39 9.68 -6.59 5.59
C VAL B 39 8.27 -7.07 5.92
N HIS B 40 7.43 -7.16 4.90
CA HIS B 40 6.02 -7.46 5.10
C HIS B 40 5.59 -8.34 3.93
N VAL B 41 5.13 -9.55 4.22
CA VAL B 41 4.72 -10.50 3.18
C VAL B 41 3.25 -10.81 3.37
N VAL B 42 2.47 -10.69 2.29
CA VAL B 42 1.03 -10.84 2.35
C VAL B 42 0.60 -11.91 1.34
N PRO B 43 0.44 -13.15 1.79
CA PRO B 43 0.06 -14.25 0.91
C PRO B 43 -1.45 -14.36 0.73
N ASP B 44 -1.86 -15.32 -0.09
CA ASP B 44 -3.27 -15.67 -0.27
C ASP B 44 -4.15 -14.54 -0.80
N GLN B 45 -3.55 -13.62 -1.55
CA GLN B 45 -4.29 -12.47 -2.05
C GLN B 45 -5.08 -12.77 -3.30
N LEU B 46 -6.19 -12.06 -3.44
CA LEU B 46 -7.02 -12.10 -4.64
CA LEU B 46 -7.01 -12.10 -4.65
C LEU B 46 -6.45 -11.11 -5.65
N MET B 47 -5.67 -11.62 -6.59
CA MET B 47 -5.01 -10.77 -7.57
C MET B 47 -4.88 -11.44 -8.92
N ALA B 48 -4.69 -10.62 -9.94
CA ALA B 48 -4.43 -11.08 -11.27
C ALA B 48 -3.37 -10.21 -11.92
N PHE B 49 -2.66 -10.77 -12.88
CA PHE B 49 -1.60 -10.09 -13.61
C PHE B 49 -1.82 -10.48 -15.07
N GLY B 50 -2.06 -9.49 -15.93
CA GLY B 50 -2.38 -9.74 -17.33
C GLY B 50 -3.67 -10.53 -17.50
N GLY B 51 -4.57 -10.41 -16.54
CA GLY B 51 -5.86 -11.11 -16.55
C GLY B 51 -5.79 -12.54 -16.05
N SER B 52 -4.58 -12.98 -15.69
CA SER B 52 -4.32 -14.34 -15.26
C SER B 52 -4.11 -14.44 -13.75
N SER B 53 -4.65 -15.49 -13.16
CA SER B 53 -4.54 -15.76 -11.73
C SER B 53 -3.40 -16.74 -11.39
N GLU B 54 -2.51 -16.99 -12.34
CA GLU B 54 -1.28 -17.73 -12.06
C GLU B 54 -0.45 -16.95 -11.03
N PRO B 55 0.50 -17.62 -10.35
CA PRO B 55 1.25 -16.92 -9.29
C PRO B 55 1.84 -15.60 -9.78
N CYS B 56 1.69 -14.57 -8.96
CA CYS B 56 2.19 -13.23 -9.27
C CYS B 56 2.49 -12.50 -7.97
N ALA B 57 3.14 -11.36 -8.08
CA ALA B 57 3.41 -10.54 -6.90
C ALA B 57 3.42 -9.06 -7.25
N LEU B 58 2.91 -8.25 -6.34
CA LEU B 58 2.98 -6.80 -6.43
C LEU B 58 3.74 -6.33 -5.20
N CYS B 59 4.84 -5.63 -5.42
CA CYS B 59 5.77 -5.30 -4.34
C CYS B 59 6.11 -3.82 -4.32
N SER B 60 6.66 -3.36 -3.20
CA SER B 60 7.22 -2.02 -3.12
C SER B 60 8.48 -2.03 -2.28
N LEU B 61 9.42 -1.17 -2.64
CA LEU B 61 10.59 -0.91 -1.83
C LEU B 61 10.68 0.60 -1.61
N HIS B 62 10.61 1.00 -0.34
CA HIS B 62 10.80 2.40 0.05
C HIS B 62 12.15 2.52 0.72
N SER B 63 12.92 3.53 0.36
CA SER B 63 14.22 3.77 1.00
C SER B 63 14.51 5.26 1.00
N ILE B 64 15.21 5.73 2.02
CA ILE B 64 15.71 7.10 2.03
C ILE B 64 17.04 7.06 1.28
N GLY B 65 17.00 7.46 0.02
CA GLY B 65 18.16 7.30 -0.86
C GLY B 65 18.37 5.85 -1.26
N LYS B 66 19.48 5.59 -1.95
CA LYS B 66 19.81 4.26 -2.48
C LYS B 66 18.77 3.77 -3.48
N ILE B 67 18.13 4.72 -4.17
CA ILE B 67 17.16 4.43 -5.21
C ILE B 67 17.61 5.17 -6.46
N GLY B 68 17.57 4.48 -7.60
CA GLY B 68 17.96 5.12 -8.86
C GLY B 68 17.97 4.12 -10.00
N GLY B 69 18.30 4.61 -11.19
CA GLY B 69 18.28 3.79 -12.40
C GLY B 69 18.96 2.44 -12.27
N ALA B 70 20.28 2.47 -12.06
CA ALA B 70 21.08 1.26 -11.96
C ALA B 70 20.77 0.45 -10.71
N GLN B 71 20.60 1.13 -9.59
CA GLN B 71 20.32 0.46 -8.32
C GLN B 71 19.00 -0.31 -8.39
N ASN B 72 17.98 0.30 -9.00
CA ASN B 72 16.67 -0.34 -9.08
C ASN B 72 16.70 -1.56 -10.02
N ARG B 73 17.51 -1.49 -11.07
CA ARG B 73 17.70 -2.66 -11.93
C ARG B 73 18.31 -3.80 -11.12
N SER B 74 19.31 -3.48 -10.29
CA SER B 74 19.95 -4.46 -9.43
C SER B 74 19.00 -5.04 -8.40
N TYR B 75 18.22 -4.18 -7.74
CA TYR B 75 17.21 -4.65 -6.78
C TYR B 75 16.21 -5.57 -7.46
N SER B 76 15.82 -5.23 -8.68
CA SER B 76 14.82 -6.01 -9.39
C SER B 76 15.31 -7.42 -9.71
N LYS B 77 16.58 -7.55 -10.09
CA LYS B 77 17.18 -8.86 -10.32
C LYS B 77 17.25 -9.64 -9.01
N LEU B 78 17.68 -8.99 -7.96
CA LEU B 78 17.76 -9.63 -6.65
C LEU B 78 16.40 -10.13 -6.17
N LEU B 79 15.41 -9.24 -6.19
CA LEU B 79 14.11 -9.54 -5.62
C LEU B 79 13.29 -10.50 -6.46
N CYS B 80 13.31 -10.33 -7.79
CA CYS B 80 12.67 -11.31 -8.68
C CYS B 80 13.33 -12.67 -8.51
N GLY B 81 14.65 -12.71 -8.36
CA GLY B 81 15.36 -13.95 -8.11
C GLY B 81 14.85 -14.67 -6.87
N LEU B 82 14.70 -13.92 -5.78
CA LEU B 82 14.21 -14.48 -4.52
C LEU B 82 12.76 -14.94 -4.62
N LEU B 83 11.91 -14.17 -5.28
CA LEU B 83 10.50 -14.56 -5.44
C LEU B 83 10.37 -15.81 -6.30
N ALA B 84 11.22 -15.93 -7.33
CA ALA B 84 11.23 -17.10 -8.18
C ALA B 84 11.71 -18.33 -7.42
N GLU B 85 12.84 -18.21 -6.73
CA GLU B 85 13.42 -19.35 -6.03
C GLU B 85 12.58 -19.80 -4.84
N ARG B 86 12.10 -18.85 -4.05
CA ARG B 86 11.42 -19.17 -2.79
C ARG B 86 9.91 -19.33 -2.90
N LEU B 87 9.27 -18.50 -3.73
CA LEU B 87 7.82 -18.53 -3.86
C LEU B 87 7.34 -19.11 -5.19
N ARG B 88 8.29 -19.44 -6.08
CA ARG B 88 8.00 -20.02 -7.38
C ARG B 88 7.14 -19.11 -8.27
N ILE B 89 7.42 -17.80 -8.17
CA ILE B 89 6.74 -16.80 -8.99
C ILE B 89 7.65 -16.39 -10.14
N SER B 90 7.13 -16.46 -11.36
CA SER B 90 7.89 -16.06 -12.55
C SER B 90 8.20 -14.56 -12.50
N PRO B 91 9.46 -14.17 -12.81
CA PRO B 91 9.82 -12.75 -12.79
C PRO B 91 8.96 -11.86 -13.68
N ASP B 92 8.43 -12.40 -14.78
CA ASP B 92 7.57 -11.62 -15.67
C ASP B 92 6.15 -11.46 -15.13
N ARG B 93 5.91 -11.93 -13.91
CA ARG B 93 4.63 -11.73 -13.22
C ARG B 93 4.84 -11.02 -11.87
N VAL B 94 5.89 -10.21 -11.82
CA VAL B 94 6.22 -9.42 -10.63
C VAL B 94 6.34 -7.95 -11.02
N TYR B 95 5.67 -7.08 -10.26
CA TYR B 95 5.96 -5.65 -10.29
C TYR B 95 6.54 -5.20 -8.97
N ILE B 96 7.54 -4.33 -9.02
CA ILE B 96 8.11 -3.72 -7.83
C ILE B 96 8.14 -2.21 -8.02
N ASN B 97 7.41 -1.48 -7.18
CA ASN B 97 7.45 -0.02 -7.19
C ASN B 97 8.54 0.47 -6.26
N TYR B 98 9.40 1.35 -6.75
CA TYR B 98 10.48 1.92 -5.95
C TYR B 98 10.18 3.35 -5.55
N TYR B 99 10.43 3.67 -4.28
CA TYR B 99 10.17 4.99 -3.73
C TYR B 99 11.39 5.51 -3.00
N ASP B 100 11.91 6.64 -3.46
CA ASP B 100 12.98 7.36 -2.79
C ASP B 100 12.31 8.39 -1.88
N MET B 101 12.29 8.08 -0.58
CA MET B 101 11.60 8.92 0.39
C MET B 101 12.50 10.03 0.93
N ASN B 102 11.95 11.22 1.05
CA ASN B 102 12.61 12.29 1.79
C ASN B 102 12.56 11.95 3.28
N ALA B 103 13.65 12.22 3.99
CA ALA B 103 13.72 11.91 5.43
C ALA B 103 12.59 12.55 6.24
N ALA B 104 12.18 13.77 5.85
CA ALA B 104 11.10 14.47 6.54
C ALA B 104 9.75 13.77 6.40
N ASN B 105 9.63 12.89 5.41
CA ASN B 105 8.39 12.18 5.13
C ASN B 105 8.40 10.73 5.63
N VAL B 106 9.36 10.40 6.48
CA VAL B 106 9.38 9.09 7.10
C VAL B 106 9.35 9.25 8.61
N GLY B 107 8.21 8.89 9.19
CA GLY B 107 8.02 8.92 10.63
C GLY B 107 8.55 7.65 11.30
N TRP B 108 9.08 7.82 12.50
CA TRP B 108 9.65 6.73 13.28
C TRP B 108 9.86 7.23 14.70
N ASN B 109 9.52 6.41 15.69
CA ASN B 109 9.92 6.70 17.06
C ASN B 109 9.56 8.12 17.50
N ASN B 110 8.29 8.48 17.33
CA ASN B 110 7.72 9.75 17.78
C ASN B 110 8.17 10.99 17.01
N SER B 111 8.92 10.80 15.93
CA SER B 111 9.44 11.93 15.16
C SER B 111 9.59 11.50 13.70
N THR B 112 10.47 12.16 12.95
CA THR B 112 10.81 11.71 11.60
C THR B 112 12.32 11.58 11.49
N PHE B 113 12.80 11.08 10.35
N PHE B 113 12.79 11.07 10.35
CA PHE B 113 14.24 10.93 10.13
CA PHE B 113 14.22 10.92 10.09
C PHE B 113 14.92 12.23 9.71
C PHE B 113 14.92 12.26 9.85
N ALA B 114 14.17 13.31 9.51
CA ALA B 114 14.76 14.60 9.12
C ALA B 114 15.70 15.17 10.15
N PRO C 1 0.02 -0.96 -15.71
CA PRO C 1 -0.58 -0.32 -14.54
C PRO C 1 -1.00 -1.32 -13.49
N MET C 2 -1.21 -0.84 -12.26
CA MET C 2 -1.57 -1.66 -11.13
C MET C 2 -2.71 -0.98 -10.40
N PHE C 3 -3.80 -1.71 -10.16
CA PHE C 3 -4.95 -1.21 -9.41
C PHE C 3 -5.22 -2.06 -8.18
N ILE C 4 -5.32 -1.42 -7.04
CA ILE C 4 -5.58 -2.10 -5.77
C ILE C 4 -6.84 -1.51 -5.14
N VAL C 5 -7.73 -2.37 -4.69
CA VAL C 5 -8.87 -1.92 -3.91
CA VAL C 5 -8.95 -2.01 -3.94
C VAL C 5 -8.92 -2.65 -2.57
N ASN C 6 -8.98 -1.85 -1.51
CA ASN C 6 -9.14 -2.37 -0.15
C ASN C 6 -10.54 -1.99 0.30
N THR C 7 -11.29 -2.93 0.86
CA THR C 7 -12.66 -2.66 1.21
C THR C 7 -13.10 -3.48 2.42
N ASN C 8 -14.07 -2.94 3.16
CA ASN C 8 -14.72 -3.68 4.24
C ASN C 8 -15.83 -4.60 3.76
N VAL C 9 -16.19 -4.55 2.48
CA VAL C 9 -17.19 -5.49 1.92
C VAL C 9 -16.64 -6.92 2.08
N PRO C 10 -17.50 -7.87 2.50
CA PRO C 10 -16.99 -9.23 2.69
C PRO C 10 -16.69 -9.94 1.38
N ARG C 11 -15.80 -10.93 1.45
CA ARG C 11 -15.37 -11.68 0.27
C ARG C 11 -16.54 -12.24 -0.53
N ALA C 12 -17.55 -12.75 0.17
CA ALA C 12 -18.71 -13.38 -0.48
C ALA C 12 -19.51 -12.39 -1.32
N SER C 13 -19.36 -11.10 -1.03
CA SER C 13 -20.05 -10.04 -1.77
C SER C 13 -19.24 -9.50 -2.94
N VAL C 14 -18.03 -10.00 -3.14
CA VAL C 14 -17.26 -9.69 -4.35
C VAL C 14 -17.68 -10.69 -5.41
N PRO C 15 -18.36 -10.21 -6.48
CA PRO C 15 -18.91 -11.18 -7.42
C PRO C 15 -17.86 -11.87 -8.26
N ASP C 16 -18.19 -13.07 -8.71
CA ASP C 16 -17.37 -13.77 -9.69
C ASP C 16 -17.08 -12.87 -10.89
N GLY C 17 -15.84 -12.91 -11.37
CA GLY C 17 -15.47 -12.18 -12.58
C GLY C 17 -14.98 -10.77 -12.34
N PHE C 18 -14.94 -10.32 -11.07
CA PHE C 18 -14.59 -8.95 -10.78
C PHE C 18 -13.17 -8.56 -11.19
N LEU C 19 -12.19 -9.41 -10.89
CA LEU C 19 -10.81 -9.12 -11.29
C LEU C 19 -10.66 -9.02 -12.81
N SER C 20 -11.36 -9.90 -13.53
CA SER C 20 -11.31 -9.86 -14.99
C SER C 20 -11.95 -8.60 -15.55
N GLU C 21 -13.09 -8.21 -14.98
CA GLU C 21 -13.74 -6.98 -15.40
C GLU C 21 -12.87 -5.75 -15.16
N LEU C 22 -12.25 -5.68 -13.98
CA LEU C 22 -11.31 -4.60 -13.68
C LEU C 22 -10.16 -4.57 -14.69
N THR C 23 -9.60 -5.74 -14.99
CA THR C 23 -8.50 -5.84 -15.95
C THR C 23 -8.91 -5.28 -17.31
N GLN C 24 -10.07 -5.73 -17.80
CA GLN C 24 -10.53 -5.36 -19.13
C GLN C 24 -10.85 -3.87 -19.19
N GLN C 25 -11.52 -3.37 -18.15
CA GLN C 25 -11.94 -1.98 -18.13
C GLN C 25 -10.74 -1.04 -17.97
N LEU C 26 -9.76 -1.45 -17.17
CA LEU C 26 -8.54 -0.65 -17.03
C LEU C 26 -7.65 -0.64 -18.27
N ALA C 27 -7.57 -1.77 -18.97
CA ALA C 27 -6.81 -1.80 -20.23
C ALA C 27 -7.37 -0.76 -21.18
N GLN C 28 -8.69 -0.71 -21.28
CA GLN C 28 -9.35 0.20 -22.20
C GLN C 28 -9.26 1.66 -21.77
N ALA C 29 -9.41 1.92 -20.48
CA ALA C 29 -9.35 3.28 -19.95
C ALA C 29 -7.95 3.87 -20.03
N THR C 30 -6.93 3.08 -19.66
CA THR C 30 -5.56 3.57 -19.66
C THR C 30 -4.93 3.53 -21.04
N GLY C 31 -5.45 2.68 -21.92
CA GLY C 31 -4.86 2.43 -23.24
C GLY C 31 -3.72 1.44 -23.21
N LYS C 32 -3.36 0.94 -22.04
CA LYS C 32 -2.21 0.05 -21.90
C LYS C 32 -2.57 -1.38 -22.33
N PRO C 33 -1.57 -2.16 -22.78
CA PRO C 33 -1.87 -3.54 -23.17
C PRO C 33 -2.43 -4.35 -21.98
N PRO C 34 -3.46 -5.18 -22.22
CA PRO C 34 -4.04 -5.94 -21.12
C PRO C 34 -3.03 -6.81 -20.37
N GLN C 35 -1.99 -7.27 -21.07
CA GLN C 35 -0.94 -8.08 -20.46
C GLN C 35 -0.16 -7.33 -19.37
N TYR C 36 -0.21 -6.00 -19.40
CA TYR C 36 0.48 -5.14 -18.44
C TYR C 36 -0.31 -4.94 -17.15
N ILE C 37 -1.62 -5.18 -17.19
CA ILE C 37 -2.50 -4.75 -16.09
C ILE C 37 -2.51 -5.73 -14.94
N ALA C 38 -2.20 -5.22 -13.75
CA ALA C 38 -2.32 -6.01 -12.52
C ALA C 38 -3.43 -5.45 -11.65
N VAL C 39 -4.22 -6.34 -11.04
CA VAL C 39 -5.36 -5.96 -10.20
C VAL C 39 -5.34 -6.76 -8.92
N HIS C 40 -5.78 -6.14 -7.83
CA HIS C 40 -5.68 -6.73 -6.51
C HIS C 40 -6.84 -6.23 -5.69
N VAL C 41 -7.66 -7.15 -5.19
CA VAL C 41 -8.83 -6.80 -4.39
C VAL C 41 -8.69 -7.40 -3.00
N VAL C 42 -8.90 -6.59 -1.97
CA VAL C 42 -8.68 -6.99 -0.59
C VAL C 42 -9.97 -6.73 0.20
N PRO C 43 -10.81 -7.77 0.34
CA PRO C 43 -12.07 -7.62 1.06
C PRO C 43 -11.91 -7.82 2.57
N ASP C 44 -13.03 -7.68 3.30
CA ASP C 44 -13.09 -8.02 4.73
C ASP C 44 -12.18 -7.15 5.60
N GLN C 45 -11.89 -5.94 5.14
CA GLN C 45 -11.00 -5.06 5.88
C GLN C 45 -11.67 -4.30 7.00
N LEU C 46 -10.86 -3.99 8.03
CA LEU C 46 -11.28 -3.15 9.14
C LEU C 46 -10.98 -1.70 8.76
N MET C 47 -12.01 -0.98 8.34
CA MET C 47 -11.81 0.39 7.88
C MET C 47 -13.02 1.24 8.16
N ALA C 48 -12.79 2.55 8.15
CA ALA C 48 -13.87 3.52 8.30
C ALA C 48 -13.61 4.68 7.34
N PHE C 49 -14.69 5.34 6.96
CA PHE C 49 -14.63 6.49 6.07
C PHE C 49 -15.54 7.51 6.73
N GLY C 50 -14.97 8.66 7.11
CA GLY C 50 -15.73 9.65 7.86
C GLY C 50 -16.21 9.15 9.21
N GLY C 51 -15.49 8.17 9.78
CA GLY C 51 -15.86 7.58 11.07
C GLY C 51 -16.87 6.45 11.00
N SER C 52 -17.46 6.25 9.82
CA SER C 52 -18.48 5.24 9.60
C SER C 52 -17.90 3.99 8.94
N SER C 53 -18.35 2.82 9.37
CA SER C 53 -17.93 1.57 8.74
C SER C 53 -18.98 0.97 7.80
N GLU C 54 -19.88 1.83 7.30
CA GLU C 54 -20.69 1.50 6.12
C GLU C 54 -19.72 1.13 4.99
N PRO C 55 -20.18 0.33 4.00
CA PRO C 55 -19.27 -0.04 2.91
C PRO C 55 -18.48 1.14 2.32
N CYS C 56 -17.17 0.93 2.17
CA CYS C 56 -16.28 1.95 1.64
C CYS C 56 -15.10 1.27 0.96
N ALA C 57 -14.30 2.05 0.24
CA ALA C 57 -13.12 1.51 -0.42
C ALA C 57 -12.00 2.52 -0.48
N LEU C 58 -10.78 2.04 -0.28
CA LEU C 58 -9.56 2.82 -0.44
C LEU C 58 -8.73 2.13 -1.51
N CYS C 59 -8.41 2.87 -2.56
CA CYS C 59 -7.83 2.28 -3.77
C CYS C 59 -6.62 3.06 -4.23
N SER C 60 -5.84 2.43 -5.10
CA SER C 60 -4.77 3.12 -5.79
CA SER C 60 -4.71 3.07 -5.75
C SER C 60 -4.64 2.63 -7.21
N LEU C 61 -4.24 3.54 -8.08
CA LEU C 61 -3.90 3.21 -9.45
C LEU C 61 -2.51 3.79 -9.73
N HIS C 62 -1.56 2.90 -10.04
CA HIS C 62 -0.23 3.29 -10.46
C HIS C 62 -0.11 3.03 -11.96
N SER C 63 0.50 3.97 -12.68
CA SER C 63 0.73 3.81 -14.12
C SER C 63 1.97 4.60 -14.52
N ILE C 64 2.69 4.12 -15.52
CA ILE C 64 3.77 4.90 -16.12
C ILE C 64 3.13 5.77 -17.18
N GLY C 65 2.92 7.03 -16.83
CA GLY C 65 2.13 7.93 -17.68
C GLY C 65 0.66 7.58 -17.63
N LYS C 66 -0.12 8.22 -18.51
CA LYS C 66 -1.58 8.08 -18.53
C LYS C 66 -2.23 8.51 -17.21
N ILE C 67 -1.60 9.47 -16.54
CA ILE C 67 -2.10 10.04 -15.29
C ILE C 67 -2.16 11.55 -15.47
N GLY C 68 -3.27 12.16 -15.11
CA GLY C 68 -3.41 13.61 -15.23
C GLY C 68 -4.79 14.05 -14.84
N GLY C 69 -5.03 15.35 -14.86
CA GLY C 69 -6.30 15.91 -14.40
C GLY C 69 -7.52 15.26 -15.01
N ALA C 70 -7.61 15.34 -16.34
CA ALA C 70 -8.77 14.83 -17.06
C ALA C 70 -8.81 13.30 -17.02
N GLN C 71 -7.65 12.67 -17.18
CA GLN C 71 -7.59 11.22 -17.17
C GLN C 71 -8.04 10.65 -15.84
N ASN C 72 -7.60 11.28 -14.74
CA ASN C 72 -7.94 10.79 -13.41
C ASN C 72 -9.43 10.98 -13.11
N ARG C 73 -10.04 12.06 -13.59
CA ARG C 73 -11.49 12.21 -13.45
C ARG C 73 -12.20 11.08 -14.16
N SER C 74 -11.73 10.74 -15.36
CA SER C 74 -12.33 9.66 -16.13
C SER C 74 -12.15 8.30 -15.43
N TYR C 75 -10.95 8.05 -14.90
CA TYR C 75 -10.73 6.81 -14.17
C TYR C 75 -11.64 6.72 -12.94
N SER C 76 -11.84 7.84 -12.26
CA SER C 76 -12.64 7.84 -11.05
C SER C 76 -14.10 7.52 -11.36
N LYS C 77 -14.62 8.08 -12.44
CA LYS C 77 -15.99 7.79 -12.86
C LYS C 77 -16.13 6.30 -13.18
N LEU C 78 -15.18 5.77 -13.95
CA LEU C 78 -15.18 4.36 -14.30
C LEU C 78 -15.13 3.46 -13.06
N LEU C 79 -14.16 3.73 -12.20
CA LEU C 79 -13.88 2.85 -11.06
C LEU C 79 -14.93 2.95 -9.97
N CYS C 80 -15.36 4.17 -9.64
CA CYS C 80 -16.49 4.32 -8.72
C CYS C 80 -17.73 3.65 -9.28
N GLY C 81 -17.95 3.76 -10.59
CA GLY C 81 -19.08 3.10 -11.22
C GLY C 81 -19.04 1.59 -11.00
N LEU C 82 -17.88 0.99 -11.19
CA LEU C 82 -17.72 -0.45 -11.01
C LEU C 82 -17.90 -0.86 -9.55
N LEU C 83 -17.36 -0.07 -8.63
CA LEU C 83 -17.47 -0.37 -7.21
C LEU C 83 -18.92 -0.24 -6.73
N ALA C 84 -19.64 0.73 -7.27
CA ALA C 84 -21.07 0.89 -6.97
C ALA C 84 -21.89 -0.27 -7.51
N GLU C 85 -21.68 -0.61 -8.79
CA GLU C 85 -22.45 -1.67 -9.43
C GLU C 85 -22.17 -3.05 -8.83
N ARG C 86 -20.89 -3.35 -8.62
CA ARG C 86 -20.48 -4.71 -8.26
C ARG C 86 -20.38 -4.93 -6.76
N LEU C 87 -19.90 -3.93 -6.03
CA LEU C 87 -19.69 -4.08 -4.58
C LEU C 87 -20.71 -3.31 -3.75
N ARG C 88 -21.58 -2.55 -4.42
CA ARG C 88 -22.63 -1.76 -3.76
C ARG C 88 -22.04 -0.71 -2.80
N ILE C 89 -20.89 -0.17 -3.17
CA ILE C 89 -20.26 0.89 -2.41
C ILE C 89 -20.63 2.23 -3.03
N SER C 90 -21.12 3.16 -2.21
CA SER C 90 -21.46 4.49 -2.69
C SER C 90 -20.20 5.22 -3.17
N PRO C 91 -20.27 5.92 -4.32
CA PRO C 91 -19.09 6.63 -4.84
C PRO C 91 -18.50 7.67 -3.88
N ASP C 92 -19.33 8.24 -3.00
CA ASP C 92 -18.82 9.20 -2.03
C ASP C 92 -18.15 8.55 -0.81
N ARG C 93 -18.00 7.23 -0.86
CA ARG C 93 -17.25 6.49 0.17
C ARG C 93 -16.08 5.72 -0.45
N VAL C 94 -15.56 6.26 -1.55
CA VAL C 94 -14.42 5.70 -2.26
C VAL C 94 -13.34 6.77 -2.40
N TYR C 95 -12.12 6.44 -2.00
CA TYR C 95 -10.94 7.24 -2.37
C TYR C 95 -10.04 6.42 -3.29
N ILE C 96 -9.47 7.09 -4.29
CA ILE C 96 -8.51 6.46 -5.20
C ILE C 96 -7.29 7.37 -5.30
N ASN C 97 -6.13 6.88 -4.88
CA ASN C 97 -4.88 7.62 -5.04
C ASN C 97 -4.25 7.25 -6.39
N TYR C 98 -3.92 8.27 -7.18
CA TYR C 98 -3.29 8.10 -8.49
C TYR C 98 -1.79 8.40 -8.41
N TYR C 99 -0.98 7.53 -9.03
CA TYR C 99 0.46 7.69 -9.05
C TYR C 99 0.98 7.55 -10.47
N ASP C 100 1.66 8.60 -10.94
CA ASP C 100 2.39 8.58 -12.20
C ASP C 100 3.81 8.17 -11.89
N MET C 101 4.14 6.92 -12.22
CA MET C 101 5.45 6.36 -11.89
C MET C 101 6.47 6.63 -12.99
N ASN C 102 7.68 7.00 -12.60
CA ASN C 102 8.81 7.04 -13.52
C ASN C 102 9.17 5.60 -13.89
N ALA C 103 9.46 5.37 -15.17
CA ALA C 103 9.81 4.03 -15.65
C ALA C 103 10.99 3.42 -14.88
N ALA C 104 11.94 4.27 -14.46
CA ALA C 104 13.10 3.81 -13.71
C ALA C 104 12.74 3.26 -12.34
N ASN C 105 11.54 3.60 -11.86
CA ASN C 105 11.09 3.19 -10.53
C ASN C 105 10.06 2.07 -10.55
N VAL C 106 9.94 1.37 -11.68
CA VAL C 106 9.08 0.21 -11.77
C VAL C 106 9.87 -1.01 -12.24
N GLY C 107 10.03 -1.96 -11.33
CA GLY C 107 10.71 -3.22 -11.61
C GLY C 107 9.76 -4.26 -12.19
N TRP C 108 10.27 -5.08 -13.10
CA TRP C 108 9.51 -6.14 -13.74
C TRP C 108 10.50 -7.04 -14.45
N ASN C 109 10.33 -8.35 -14.33
CA ASN C 109 11.13 -9.30 -15.10
C ASN C 109 12.64 -9.07 -14.96
N ASN C 110 13.10 -8.96 -13.72
CA ASN C 110 14.53 -8.84 -13.38
C ASN C 110 15.18 -7.50 -13.72
N SER C 111 14.39 -6.54 -14.20
CA SER C 111 14.93 -5.24 -14.60
C SER C 111 13.90 -4.14 -14.34
N THR C 112 14.06 -2.98 -14.98
CA THR C 112 13.06 -1.92 -14.90
C THR C 112 12.60 -1.49 -16.29
N PHE C 113 11.56 -0.66 -16.33
N PHE C 113 11.57 -0.64 -16.35
CA PHE C 113 10.99 -0.15 -17.58
CA PHE C 113 11.03 -0.18 -17.63
C PHE C 113 11.85 0.92 -18.27
C PHE C 113 11.81 0.96 -18.26
N ALA C 114 12.83 1.46 -17.54
CA ALA C 114 13.69 2.55 -18.04
C ALA C 114 14.50 2.13 -19.27
#